data_1LCZ
#
_entry.id   1LCZ
#
_cell.length_a   47.483
_cell.length_b   94.925
_cell.length_c   105.447
_cell.angle_alpha   90.00
_cell.angle_beta   90.00
_cell.angle_gamma   90.00
#
_symmetry.space_group_name_H-M   'I 2 2 2'
#
loop_
_entity.id
_entity.type
_entity.pdbx_description
1 polymer Streptavidin
2 non-polymer 'E-AMINO BIOTINYL CAPROIC ACID'
3 water water
#
_entity_poly.entity_id   1
_entity_poly.type   'polypeptide(L)'
_entity_poly.pdbx_seq_one_letter_code
;DPSKDSKAQVSAAEAGITGTWYNQLGSTFIVTAGADGALTGTYESAVGNAESRYVLTGRYDSAPATDGSGTALGWTVAWK
NNYRNAHSATTWSGQYVGGAEARINTQWLLTSGTTEANAWKSTLVGHDTFTKVKP
;
_entity_poly.pdbx_strand_id   A,B
#
loop_
_chem_comp.id
_chem_comp.type
_chem_comp.name
_chem_comp.formula
BH7 non-polymer 'E-AMINO BIOTINYL CAPROIC ACID' 'C16 H27 N3 O4 S'
#
# COMPACT_ATOMS: atom_id res chain seq x y z
N GLY A 16 4.17 19.30 2.24
CA GLY A 16 5.07 19.23 1.05
C GLY A 16 4.71 18.07 0.15
N ILE A 17 4.05 17.06 0.72
CA ILE A 17 3.68 15.88 -0.04
C ILE A 17 2.58 16.20 -1.05
N THR A 18 1.59 16.99 -0.64
CA THR A 18 0.49 17.35 -1.52
C THR A 18 0.99 18.01 -2.81
N GLY A 19 0.39 17.60 -3.93
CA GLY A 19 0.76 18.14 -5.23
C GLY A 19 0.73 17.11 -6.37
N THR A 20 1.38 17.48 -7.48
CA THR A 20 1.49 16.65 -8.66
C THR A 20 2.92 16.14 -8.77
N TRP A 21 3.06 14.83 -8.93
CA TRP A 21 4.37 14.20 -9.05
C TRP A 21 4.45 13.32 -10.30
N TYR A 22 5.67 13.09 -10.77
CA TYR A 22 5.88 12.23 -11.93
C TYR A 22 7.05 11.31 -11.66
N ASN A 23 6.99 10.08 -12.18
CA ASN A 23 8.09 9.17 -12.02
C ASN A 23 8.90 9.03 -13.29
N GLN A 24 9.99 8.28 -13.19
CA GLN A 24 10.90 8.08 -14.29
C GLN A 24 10.26 7.45 -15.53
N LEU A 25 9.11 6.82 -15.37
CA LEU A 25 8.43 6.19 -16.50
C LEU A 25 7.47 7.15 -17.22
N GLY A 26 7.18 8.30 -16.61
CA GLY A 26 6.26 9.24 -17.21
C GLY A 26 4.89 9.19 -16.56
N SER A 27 4.74 8.33 -15.54
CA SER A 27 3.48 8.22 -14.82
C SER A 27 3.22 9.47 -13.96
N THR A 28 1.95 9.73 -13.70
CA THR A 28 1.52 10.89 -12.95
C THR A 28 0.81 10.49 -11.67
N PHE A 29 1.17 11.15 -10.58
CA PHE A 29 0.63 10.88 -9.24
C PHE A 29 0.17 12.23 -8.66
N ILE A 30 -1.14 12.39 -8.49
CA ILE A 30 -1.73 13.62 -7.91
C ILE A 30 -2.25 13.24 -6.52
N VAL A 31 -1.67 13.83 -5.49
CA VAL A 31 -2.04 13.44 -4.13
C VAL A 31 -2.31 14.63 -3.22
N THR A 32 -3.17 14.40 -2.23
CA THR A 32 -3.51 15.38 -1.22
C THR A 32 -3.22 14.70 0.12
N ALA A 33 -2.36 15.32 0.95
CA ALA A 33 -2.05 14.76 2.25
C ALA A 33 -2.95 15.41 3.29
N GLY A 34 -3.69 14.59 4.03
CA GLY A 34 -4.59 15.10 5.05
C GLY A 34 -3.89 15.26 6.39
N ALA A 35 -4.47 16.09 7.23
CA ALA A 35 -3.91 16.36 8.55
C ALA A 35 -3.86 15.10 9.44
N ASP A 36 -4.71 14.10 9.13
CA ASP A 36 -4.74 12.87 9.92
C ASP A 36 -3.86 11.72 9.38
N GLY A 37 -3.04 11.98 8.38
CA GLY A 37 -2.15 10.97 7.82
C GLY A 37 -2.64 10.28 6.57
N ALA A 38 -3.80 10.73 6.10
CA ALA A 38 -4.40 10.17 4.91
C ALA A 38 -3.84 10.78 3.63
N LEU A 39 -3.72 9.92 2.63
CA LEU A 39 -3.29 10.31 1.32
C LEU A 39 -4.46 9.90 0.46
N THR A 40 -4.87 10.77 -0.45
CA THR A 40 -5.97 10.45 -1.36
C THR A 40 -5.65 11.15 -2.65
N GLY A 41 -6.04 10.56 -3.76
CA GLY A 41 -5.76 11.19 -5.03
C GLY A 41 -5.99 10.27 -6.19
N THR A 42 -5.32 10.57 -7.30
CA THR A 42 -5.45 9.79 -8.51
C THR A 42 -4.08 9.51 -9.11
N TYR A 43 -4.00 8.37 -9.77
CA TYR A 43 -2.76 7.92 -10.38
C TYR A 43 -3.01 7.59 -11.84
N GLU A 44 -2.08 7.99 -12.69
CA GLU A 44 -2.18 7.65 -14.11
C GLU A 44 -0.86 7.02 -14.53
N SER A 45 -0.92 5.74 -14.90
CA SER A 45 0.28 5.00 -15.26
C SER A 45 0.67 5.05 -16.74
N ALA A 46 1.96 5.31 -16.96
CA ALA A 46 2.52 5.39 -18.29
C ALA A 46 2.68 3.98 -18.87
N VAL A 47 2.77 2.96 -18.00
CA VAL A 47 2.92 1.60 -18.49
C VAL A 47 1.88 0.62 -17.96
N GLY A 48 1.94 -0.61 -18.45
CA GLY A 48 1.03 -1.66 -17.99
C GLY A 48 -0.37 -1.67 -18.57
N ASN A 49 -1.22 -2.49 -17.97
CA ASN A 49 -2.60 -2.63 -18.43
C ASN A 49 -3.42 -1.58 -17.69
N ALA A 50 -3.36 -0.35 -18.20
CA ALA A 50 -4.03 0.75 -17.54
C ALA A 50 -4.42 1.85 -18.53
N GLU A 51 -5.47 2.58 -18.18
CA GLU A 51 -5.98 3.63 -19.03
C GLU A 51 -6.66 4.66 -18.12
N SER A 52 -6.39 5.92 -18.40
CA SER A 52 -7.00 7.00 -17.63
C SER A 52 -6.58 7.00 -16.16
N ARG A 53 -7.43 7.55 -15.32
CA ARG A 53 -7.15 7.69 -13.89
C ARG A 53 -7.68 6.60 -12.98
N TYR A 54 -6.91 6.28 -11.94
CA TYR A 54 -7.30 5.28 -10.95
C TYR A 54 -7.20 5.92 -9.57
N VAL A 55 -8.13 5.58 -8.70
CA VAL A 55 -8.17 6.11 -7.37
C VAL A 55 -7.02 5.53 -6.55
N LEU A 56 -6.43 6.34 -5.71
CA LEU A 56 -5.36 5.85 -4.83
C LEU A 56 -5.69 6.28 -3.42
N THR A 57 -5.24 5.48 -2.46
CA THR A 57 -5.47 5.80 -1.07
C THR A 57 -4.22 5.31 -0.34
N GLY A 58 -3.80 6.08 0.66
CA GLY A 58 -2.61 5.70 1.39
C GLY A 58 -2.56 6.36 2.74
N ARG A 59 -1.42 6.21 3.40
CA ARG A 59 -1.17 6.76 4.73
C ARG A 59 0.28 7.28 4.75
N TYR A 60 0.54 8.28 5.59
CA TYR A 60 1.88 8.80 5.74
C TYR A 60 2.06 9.21 7.19
N ASP A 61 3.32 9.30 7.60
CA ASP A 61 3.65 9.66 8.96
C ASP A 61 3.49 11.17 9.04
N SER A 62 2.42 11.61 9.69
CA SER A 62 2.13 13.03 9.81
C SER A 62 2.91 13.78 10.88
N ALA A 63 3.87 13.13 11.52
CA ALA A 63 4.69 13.75 12.56
C ALA A 63 6.09 13.18 12.44
N PRO A 64 6.75 13.46 11.30
CA PRO A 64 8.11 12.99 10.98
C PRO A 64 9.16 13.38 12.02
N ALA A 65 10.27 12.64 12.01
CA ALA A 65 11.39 12.91 12.88
C ALA A 65 11.90 14.21 12.33
N THR A 66 12.59 15.01 13.12
CA THR A 66 13.06 16.26 12.54
C THR A 66 14.54 16.38 12.56
N ASP A 67 15.22 15.29 12.23
CA ASP A 67 16.67 15.28 12.17
C ASP A 67 17.03 15.64 10.73
N GLY A 68 17.12 14.64 9.87
CA GLY A 68 17.41 14.94 8.47
C GLY A 68 16.72 13.88 7.62
N SER A 69 15.83 13.14 8.28
CA SER A 69 15.12 12.03 7.66
C SER A 69 13.87 12.26 6.83
N GLY A 70 13.59 11.28 5.99
CA GLY A 70 12.43 11.34 5.15
C GLY A 70 11.16 10.99 5.89
N THR A 71 10.03 11.17 5.21
CA THR A 71 8.75 10.88 5.80
C THR A 71 8.23 9.60 5.18
N ALA A 72 8.01 8.60 6.02
CA ALA A 72 7.52 7.31 5.58
C ALA A 72 6.09 7.37 5.07
N LEU A 73 5.81 6.68 3.98
CA LEU A 73 4.48 6.65 3.43
C LEU A 73 4.28 5.48 2.49
N GLY A 74 3.02 5.28 2.14
CA GLY A 74 2.69 4.20 1.25
C GLY A 74 1.30 4.41 0.71
N TRP A 75 1.05 3.85 -0.44
CA TRP A 75 -0.26 3.98 -1.01
C TRP A 75 -0.53 2.80 -1.90
N THR A 76 -1.79 2.61 -2.20
CA THR A 76 -2.23 1.51 -3.03
C THR A 76 -3.10 2.02 -4.17
N VAL A 77 -3.08 1.28 -5.27
CA VAL A 77 -3.93 1.56 -6.41
C VAL A 77 -4.44 0.19 -6.89
N ALA A 78 -5.75 0.04 -7.06
CA ALA A 78 -6.30 -1.22 -7.60
C ALA A 78 -6.54 -0.83 -9.06
N TRP A 79 -5.97 -1.58 -9.98
CA TRP A 79 -6.09 -1.25 -11.40
C TRP A 79 -7.45 -1.47 -12.05
N LYS A 80 -8.48 -0.85 -11.48
CA LYS A 80 -9.81 -0.94 -12.02
C LYS A 80 -10.46 0.42 -11.93
N ASN A 81 -10.96 0.92 -13.04
CA ASN A 81 -11.68 2.18 -13.03
C ASN A 81 -12.87 1.89 -13.94
N ASN A 82 -13.59 2.89 -14.38
CA ASN A 82 -14.74 2.66 -15.26
C ASN A 82 -14.35 2.20 -16.67
N TYR A 83 -13.09 2.35 -17.03
CA TYR A 83 -12.69 1.96 -18.37
C TYR A 83 -11.99 0.62 -18.50
N ARG A 84 -11.26 0.19 -17.49
CA ARG A 84 -10.56 -1.07 -17.62
C ARG A 84 -10.36 -1.71 -16.26
N ASN A 85 -10.06 -3.00 -16.26
CA ASN A 85 -9.81 -3.75 -15.04
C ASN A 85 -8.70 -4.75 -15.33
N ALA A 86 -7.54 -4.52 -14.72
CA ALA A 86 -6.40 -5.40 -14.92
C ALA A 86 -6.30 -6.49 -13.84
N HIS A 87 -7.29 -6.58 -12.95
CA HIS A 87 -7.31 -7.57 -11.87
C HIS A 87 -5.95 -7.62 -11.18
N SER A 88 -5.54 -6.47 -10.66
CA SER A 88 -4.24 -6.37 -10.01
C SER A 88 -4.17 -5.10 -9.17
N ALA A 89 -3.27 -5.09 -8.21
CA ALA A 89 -3.12 -3.96 -7.34
C ALA A 89 -1.65 -3.72 -7.05
N THR A 90 -1.27 -2.45 -6.96
CA THR A 90 0.11 -2.11 -6.68
C THR A 90 0.15 -1.30 -5.39
N THR A 91 1.17 -1.57 -4.59
CA THR A 91 1.37 -0.82 -3.37
C THR A 91 2.79 -0.25 -3.44
N TRP A 92 2.92 1.04 -3.19
CA TRP A 92 4.24 1.69 -3.15
C TRP A 92 4.56 2.04 -1.70
N SER A 93 5.76 1.68 -1.29
CA SER A 93 6.19 1.96 0.06
C SER A 93 7.51 2.72 -0.04
N GLY A 94 7.61 3.86 0.64
CA GLY A 94 8.85 4.62 0.57
C GLY A 94 8.86 5.84 1.47
N GLN A 95 9.68 6.82 1.11
CA GLN A 95 9.75 8.03 1.91
C GLN A 95 9.86 9.29 1.06
N TYR A 96 9.28 10.37 1.59
CA TYR A 96 9.29 11.68 0.96
C TYR A 96 10.53 12.36 1.53
N VAL A 97 11.31 12.98 0.66
CA VAL A 97 12.52 13.68 1.07
C VAL A 97 12.28 15.05 0.52
N GLY A 98 11.96 15.98 1.42
CA GLY A 98 11.64 17.33 1.00
C GLY A 98 12.87 18.09 0.62
N GLY A 99 12.70 19.39 0.48
CA GLY A 99 13.85 20.20 0.13
C GLY A 99 13.56 21.06 -1.06
N ALA A 100 14.60 21.66 -1.60
CA ALA A 100 14.43 22.50 -2.78
C ALA A 100 13.94 21.56 -3.89
N GLU A 101 14.55 20.37 -3.93
CA GLU A 101 14.23 19.36 -4.91
C GLU A 101 13.55 18.14 -4.24
N ALA A 102 12.24 18.24 -4.03
CA ALA A 102 11.48 17.18 -3.37
C ALA A 102 11.40 15.92 -4.21
N ARG A 103 11.59 14.76 -3.57
CA ARG A 103 11.55 13.44 -4.21
C ARG A 103 10.83 12.43 -3.31
N ILE A 104 10.22 11.40 -3.92
CA ILE A 104 9.61 10.32 -3.14
C ILE A 104 10.29 9.09 -3.75
N ASN A 105 11.11 8.41 -2.96
CA ASN A 105 11.82 7.23 -3.43
C ASN A 105 11.01 6.02 -2.97
N THR A 106 10.62 5.18 -3.92
CA THR A 106 9.82 4.03 -3.56
C THR A 106 10.27 2.70 -4.08
N GLN A 107 9.65 1.70 -3.48
CA GLN A 107 9.80 0.31 -3.88
C GLN A 107 8.33 -0.11 -3.95
N TRP A 108 8.00 -0.92 -4.94
CA TRP A 108 6.62 -1.34 -5.11
C TRP A 108 6.44 -2.83 -5.37
N LEU A 109 5.21 -3.30 -5.10
CA LEU A 109 4.79 -4.68 -5.29
C LEU A 109 3.48 -4.69 -6.07
N LEU A 110 3.48 -5.37 -7.20
CA LEU A 110 2.29 -5.46 -8.04
C LEU A 110 1.80 -6.91 -8.01
N THR A 111 0.65 -7.14 -7.42
CA THR A 111 0.10 -8.49 -7.35
C THR A 111 -1.11 -8.64 -8.28
N SER A 112 -1.10 -9.71 -9.06
CA SER A 112 -2.20 -10.01 -9.95
C SER A 112 -3.01 -11.13 -9.34
N GLY A 113 -4.32 -11.14 -9.60
CA GLY A 113 -5.15 -12.20 -9.07
C GLY A 113 -4.74 -13.38 -9.90
N THR A 114 -4.47 -14.52 -9.28
CA THR A 114 -4.04 -15.71 -10.02
C THR A 114 -4.80 -16.94 -9.52
N THR A 115 -4.72 -18.04 -10.27
CA THR A 115 -5.34 -19.27 -9.81
C THR A 115 -4.32 -19.70 -8.75
N GLU A 116 -4.67 -20.70 -7.95
CA GLU A 116 -3.77 -21.13 -6.89
C GLU A 116 -2.49 -21.76 -7.37
N ALA A 117 -2.49 -22.21 -8.62
CA ALA A 117 -1.33 -22.86 -9.22
C ALA A 117 -0.30 -21.88 -9.72
N ASN A 118 -0.76 -20.68 -10.12
CA ASN A 118 0.17 -19.67 -10.63
C ASN A 118 0.51 -18.64 -9.54
N ALA A 119 0.01 -18.86 -8.33
CA ALA A 119 0.23 -17.95 -7.21
C ALA A 119 1.68 -17.59 -7.00
N TRP A 120 2.57 -18.54 -7.24
CA TRP A 120 4.00 -18.29 -7.05
C TRP A 120 4.55 -17.15 -7.89
N LYS A 121 3.88 -16.86 -9.00
CA LYS A 121 4.30 -15.81 -9.91
C LYS A 121 3.29 -14.67 -9.98
N SER A 122 2.60 -14.41 -8.88
CA SER A 122 1.59 -13.36 -8.86
C SER A 122 2.16 -11.96 -8.56
N THR A 123 3.40 -11.91 -8.08
CA THR A 123 3.94 -10.64 -7.63
C THR A 123 5.24 -10.09 -8.24
N LEU A 124 5.16 -8.86 -8.74
CA LEU A 124 6.31 -8.17 -9.32
C LEU A 124 6.82 -7.16 -8.31
N VAL A 125 8.11 -6.84 -8.41
CA VAL A 125 8.72 -5.90 -7.50
C VAL A 125 9.59 -4.95 -8.30
N GLY A 126 9.53 -3.67 -7.96
CA GLY A 126 10.32 -2.68 -8.65
C GLY A 126 10.52 -1.48 -7.75
N HIS A 127 11.09 -0.42 -8.33
CA HIS A 127 11.35 0.80 -7.58
C HIS A 127 11.06 1.97 -8.50
N ASP A 128 10.38 2.97 -7.95
CA ASP A 128 10.01 4.19 -8.68
C ASP A 128 10.51 5.42 -7.90
N THR A 129 10.96 6.45 -8.61
CA THR A 129 11.39 7.68 -7.95
C THR A 129 10.50 8.75 -8.54
N PHE A 130 9.81 9.47 -7.67
CA PHE A 130 8.92 10.51 -8.11
C PHE A 130 9.51 11.92 -7.92
N THR A 131 9.19 12.80 -8.85
CA THR A 131 9.67 14.18 -8.81
C THR A 131 8.50 15.13 -8.77
N LYS A 132 8.53 16.05 -7.82
CA LYS A 132 7.42 16.98 -7.69
C LYS A 132 7.45 18.12 -8.70
N VAL A 133 6.31 18.40 -9.28
CA VAL A 133 6.24 19.49 -10.24
C VAL A 133 6.10 20.77 -9.44
N LYS A 134 6.79 21.82 -9.90
CA LYS A 134 6.79 23.14 -9.27
C LYS A 134 7.19 23.10 -7.79
N GLY B 16 -16.82 -11.26 1.16
CA GLY B 16 -15.99 -12.26 1.89
C GLY B 16 -14.80 -11.61 2.56
N ILE B 17 -14.33 -10.49 1.99
CA ILE B 17 -13.19 -9.79 2.55
C ILE B 17 -13.51 -9.11 3.90
N THR B 18 -14.67 -8.48 3.95
CA THR B 18 -15.10 -7.80 5.17
C THR B 18 -15.02 -8.75 6.38
N GLY B 19 -14.40 -8.30 7.46
CA GLY B 19 -14.33 -9.18 8.62
C GLY B 19 -13.08 -8.97 9.43
N THR B 20 -12.88 -9.90 10.36
CA THR B 20 -11.73 -9.88 11.25
C THR B 20 -10.81 -11.00 10.80
N TRP B 21 -9.56 -10.64 10.58
CA TRP B 21 -8.53 -11.56 10.10
C TRP B 21 -7.31 -11.58 11.04
N TYR B 22 -6.57 -12.69 11.03
CA TYR B 22 -5.38 -12.85 11.87
C TYR B 22 -4.26 -13.40 11.02
N ASN B 23 -3.03 -12.96 11.29
CA ASN B 23 -1.90 -13.49 10.54
C ASN B 23 -1.18 -14.52 11.38
N GLN B 24 -0.01 -14.94 10.90
CA GLN B 24 0.80 -15.95 11.60
C GLN B 24 1.61 -15.42 12.81
N LEU B 25 1.73 -14.11 12.95
CA LEU B 25 2.49 -13.58 14.07
C LEU B 25 1.59 -13.17 15.22
N GLY B 26 0.28 -13.19 15.00
CA GLY B 26 -0.65 -12.82 16.05
C GLY B 26 -1.34 -11.49 15.86
N SER B 27 -1.12 -10.82 14.74
CA SER B 27 -1.76 -9.54 14.46
C SER B 27 -3.23 -9.74 14.07
N THR B 28 -4.03 -8.69 14.29
CA THR B 28 -5.43 -8.75 13.91
C THR B 28 -5.69 -7.61 12.95
N PHE B 29 -6.42 -7.91 11.91
CA PHE B 29 -6.73 -7.01 10.80
C PHE B 29 -8.26 -6.96 10.69
N ILE B 30 -8.85 -5.81 11.00
CA ILE B 30 -10.29 -5.66 10.89
C ILE B 30 -10.61 -4.78 9.68
N VAL B 31 -11.22 -5.36 8.64
CA VAL B 31 -11.53 -4.56 7.46
C VAL B 31 -12.95 -4.61 6.95
N THR B 32 -13.34 -3.52 6.30
CA THR B 32 -14.62 -3.39 5.65
C THR B 32 -14.35 -3.11 4.17
N ALA B 33 -14.93 -3.92 3.29
CA ALA B 33 -14.72 -3.69 1.87
C ALA B 33 -15.95 -3.00 1.28
N GLY B 34 -15.74 -1.83 0.70
CA GLY B 34 -16.83 -1.06 0.12
C GLY B 34 -17.18 -1.53 -1.28
N ALA B 35 -18.36 -1.17 -1.77
CA ALA B 35 -18.79 -1.62 -3.09
C ALA B 35 -17.90 -1.21 -4.27
N ASP B 36 -17.26 -0.05 -4.20
CA ASP B 36 -16.41 0.41 -5.31
C ASP B 36 -14.92 0.07 -5.27
N GLY B 37 -14.50 -0.76 -4.32
CA GLY B 37 -13.11 -1.12 -4.28
C GLY B 37 -12.31 -0.56 -3.12
N ALA B 38 -12.97 0.14 -2.21
CA ALA B 38 -12.27 0.71 -1.07
C ALA B 38 -12.14 -0.30 0.06
N LEU B 39 -11.01 -0.22 0.76
CA LEU B 39 -10.68 -1.03 1.92
C LEU B 39 -10.41 -0.07 3.07
N THR B 40 -11.17 -0.21 4.15
CA THR B 40 -11.00 0.63 5.31
C THR B 40 -11.03 -0.21 6.58
N GLY B 41 -10.21 0.19 7.56
CA GLY B 41 -10.19 -0.57 8.80
C GLY B 41 -9.09 -0.19 9.78
N THR B 42 -8.81 -1.14 10.67
CA THR B 42 -7.81 -0.95 11.70
C THR B 42 -6.92 -2.17 11.80
N TYR B 43 -5.67 -1.94 12.14
CA TYR B 43 -4.67 -2.98 12.28
C TYR B 43 -4.03 -2.95 13.67
N GLU B 44 -3.79 -4.13 14.22
CA GLU B 44 -3.14 -4.28 15.52
C GLU B 44 -1.98 -5.21 15.30
N SER B 45 -0.76 -4.71 15.52
CA SER B 45 0.43 -5.52 15.27
C SER B 45 0.80 -6.31 16.50
N ALA B 46 1.44 -7.46 16.30
CA ALA B 46 1.85 -8.33 17.40
C ALA B 46 3.35 -8.20 17.59
N VAL B 47 4.02 -7.63 16.59
CA VAL B 47 5.47 -7.44 16.67
C VAL B 47 5.89 -6.00 16.36
N GLY B 48 7.18 -5.77 16.53
CA GLY B 48 7.73 -4.46 16.24
C GLY B 48 7.37 -3.34 17.17
N ASN B 49 7.81 -2.15 16.79
CA ASN B 49 7.54 -0.97 17.58
C ASN B 49 6.08 -0.63 17.31
N ALA B 50 5.16 -1.15 18.13
CA ALA B 50 3.74 -0.87 17.89
C ALA B 50 2.81 -1.20 19.07
N GLU B 51 1.83 -0.31 19.30
CA GLU B 51 0.87 -0.44 20.41
C GLU B 51 -0.55 0.09 20.12
N SER B 52 -1.53 -0.81 20.11
CA SER B 52 -2.93 -0.42 19.87
C SER B 52 -3.23 -0.49 18.38
N ARG B 53 -4.35 0.06 17.98
CA ARG B 53 -4.76 -0.01 16.60
C ARG B 53 -4.20 1.12 15.77
N TYR B 54 -4.08 0.83 14.49
CA TYR B 54 -3.61 1.82 13.54
C TYR B 54 -4.63 1.79 12.43
N VAL B 55 -4.87 2.95 11.87
CA VAL B 55 -5.81 3.13 10.76
C VAL B 55 -5.19 2.46 9.54
N LEU B 56 -6.03 1.89 8.69
CA LEU B 56 -5.50 1.29 7.49
C LEU B 56 -6.44 1.62 6.37
N THR B 57 -5.89 1.78 5.18
CA THR B 57 -6.68 2.08 4.01
C THR B 57 -6.07 1.33 2.85
N GLY B 58 -6.91 0.95 1.89
CA GLY B 58 -6.42 0.22 0.75
C GLY B 58 -7.48 0.19 -0.32
N ARG B 59 -7.23 -0.66 -1.32
CA ARG B 59 -8.11 -0.84 -2.47
C ARG B 59 -8.07 -2.30 -2.86
N TYR B 60 -9.12 -2.76 -3.54
CA TYR B 60 -9.14 -4.14 -4.02
C TYR B 60 -9.95 -4.13 -5.30
N ASP B 61 -9.78 -5.18 -6.09
CA ASP B 61 -10.48 -5.34 -7.34
C ASP B 61 -11.90 -5.69 -6.96
N SER B 62 -12.82 -4.77 -7.21
CA SER B 62 -14.22 -5.00 -6.88
C SER B 62 -15.02 -5.66 -8.01
N ALA B 63 -14.30 -6.35 -8.90
CA ALA B 63 -14.84 -7.08 -10.04
C ALA B 63 -13.79 -8.09 -10.51
N PRO B 64 -13.43 -9.05 -9.64
CA PRO B 64 -12.40 -10.03 -10.05
C PRO B 64 -12.89 -10.92 -11.19
N ALA B 65 -11.96 -11.63 -11.84
CA ALA B 65 -12.34 -12.51 -12.93
C ALA B 65 -13.11 -13.71 -12.39
N THR B 66 -13.88 -14.34 -13.26
CA THR B 66 -14.66 -15.50 -12.86
C THR B 66 -13.94 -16.83 -13.13
N ASP B 67 -12.71 -16.80 -13.64
CA ASP B 67 -12.04 -18.08 -13.87
C ASP B 67 -11.97 -18.77 -12.51
N GLY B 68 -10.89 -18.59 -11.77
CA GLY B 68 -10.81 -19.19 -10.45
C GLY B 68 -9.88 -18.39 -9.55
N SER B 69 -9.32 -17.35 -10.14
CA SER B 69 -8.35 -16.45 -9.52
C SER B 69 -8.76 -15.73 -8.24
N GLY B 70 -7.74 -15.38 -7.46
CA GLY B 70 -7.95 -14.66 -6.22
C GLY B 70 -8.23 -13.21 -6.52
N THR B 71 -8.62 -12.46 -5.50
CA THR B 71 -8.92 -11.05 -5.66
C THR B 71 -7.76 -10.15 -5.23
N ALA B 72 -7.21 -9.40 -6.19
CA ALA B 72 -6.09 -8.51 -5.92
C ALA B 72 -6.48 -7.37 -4.98
N LEU B 73 -5.59 -7.12 -4.02
CA LEU B 73 -5.83 -6.09 -3.05
C LEU B 73 -4.51 -5.61 -2.45
N GLY B 74 -4.59 -4.48 -1.76
CA GLY B 74 -3.43 -3.93 -1.10
C GLY B 74 -3.91 -2.91 -0.09
N TRP B 75 -3.09 -2.63 0.91
CA TRP B 75 -3.42 -1.64 1.90
C TRP B 75 -2.15 -1.16 2.57
N THR B 76 -2.30 -0.04 3.25
CA THR B 76 -1.23 0.63 3.93
C THR B 76 -1.61 0.95 5.36
N VAL B 77 -0.59 0.90 6.21
CA VAL B 77 -0.74 1.26 7.62
C VAL B 77 0.49 2.09 7.93
N ALA B 78 0.31 3.34 8.33
CA ALA B 78 1.43 4.18 8.72
C ALA B 78 1.51 3.88 10.23
N TRP B 79 2.70 3.60 10.73
CA TRP B 79 2.82 3.27 12.14
C TRP B 79 2.84 4.42 13.14
N LYS B 80 1.78 5.23 13.11
CA LYS B 80 1.63 6.33 14.04
C LYS B 80 0.17 6.37 14.51
N ASN B 81 -0.02 6.43 15.83
CA ASN B 81 -1.35 6.56 16.40
C ASN B 81 -1.16 7.45 17.65
N ASN B 82 -2.20 7.69 18.43
CA ASN B 82 -2.03 8.57 19.59
C ASN B 82 -1.11 8.07 20.72
N TYR B 83 -0.43 6.94 20.54
CA TYR B 83 0.45 6.44 21.59
C TYR B 83 1.91 6.34 21.16
N ARG B 84 2.15 5.93 19.92
CA ARG B 84 3.51 5.76 19.44
C ARG B 84 3.64 6.21 17.98
N ASN B 85 4.89 6.40 17.54
CA ASN B 85 5.16 6.77 16.16
C ASN B 85 6.50 6.11 15.81
N ALA B 86 6.43 5.05 15.02
CA ALA B 86 7.65 4.35 14.66
C ALA B 86 8.26 4.93 13.40
N HIS B 87 7.70 6.03 12.91
CA HIS B 87 8.20 6.69 11.71
C HIS B 87 8.46 5.64 10.63
N SER B 88 7.38 5.01 10.19
CA SER B 88 7.46 3.98 9.17
C SER B 88 6.07 3.64 8.72
N ALA B 89 5.99 2.96 7.57
CA ALA B 89 4.74 2.56 6.98
C ALA B 89 4.90 1.22 6.29
N THR B 90 3.89 0.39 6.41
CA THR B 90 3.95 -0.92 5.77
C THR B 90 2.84 -0.99 4.72
N THR B 91 3.12 -1.63 3.59
CA THR B 91 2.12 -1.83 2.58
C THR B 91 2.10 -3.33 2.32
N TRP B 92 0.91 -3.92 2.32
CA TRP B 92 0.77 -5.34 2.02
C TRP B 92 0.15 -5.42 0.63
N SER B 93 0.67 -6.32 -0.20
CA SER B 93 0.11 -6.54 -1.53
C SER B 93 -0.10 -8.04 -1.64
N GLY B 94 -1.28 -8.43 -2.10
CA GLY B 94 -1.57 -9.84 -2.23
C GLY B 94 -2.93 -10.12 -2.83
N GLN B 95 -3.53 -11.21 -2.41
CA GLN B 95 -4.83 -11.53 -2.96
C GLN B 95 -5.66 -12.35 -2.01
N TYR B 96 -6.96 -12.12 -2.11
CA TYR B 96 -7.93 -12.80 -1.29
C TYR B 96 -8.39 -14.02 -2.05
N VAL B 97 -8.52 -15.14 -1.35
CA VAL B 97 -8.98 -16.38 -1.95
C VAL B 97 -10.10 -16.86 -1.04
N GLY B 98 -11.32 -16.91 -1.58
CA GLY B 98 -12.47 -17.32 -0.79
C GLY B 98 -12.58 -18.81 -0.53
N GLY B 99 -13.81 -19.28 -0.37
CA GLY B 99 -14.02 -20.69 -0.10
C GLY B 99 -14.17 -20.96 1.38
N ALA B 100 -14.17 -22.24 1.73
CA ALA B 100 -14.31 -22.67 3.12
C ALA B 100 -13.24 -21.98 3.96
N GLU B 101 -11.97 -22.27 3.67
CA GLU B 101 -10.90 -21.66 4.45
C GLU B 101 -10.33 -20.37 3.85
N ALA B 102 -11.15 -19.33 3.76
CA ALA B 102 -10.72 -18.04 3.22
C ALA B 102 -9.35 -17.57 3.72
N ARG B 103 -8.53 -17.07 2.80
CA ARG B 103 -7.21 -16.59 3.15
C ARG B 103 -6.83 -15.38 2.34
N ILE B 104 -5.90 -14.62 2.86
CA ILE B 104 -5.36 -13.46 2.15
C ILE B 104 -3.85 -13.71 2.19
N ASN B 105 -3.25 -13.94 1.03
CA ASN B 105 -1.83 -14.18 0.99
C ASN B 105 -1.18 -12.89 0.52
N THR B 106 -0.19 -12.42 1.26
CA THR B 106 0.47 -11.18 0.89
C THR B 106 1.96 -11.19 1.10
N GLN B 107 2.56 -10.16 0.52
CA GLN B 107 3.97 -9.87 0.68
C GLN B 107 3.93 -8.40 1.07
N TRP B 108 4.85 -8.01 1.92
CA TRP B 108 4.87 -6.65 2.40
C TRP B 108 6.23 -5.97 2.41
N LEU B 109 6.18 -4.65 2.38
CA LEU B 109 7.35 -3.77 2.37
C LEU B 109 7.19 -2.80 3.52
N LEU B 110 8.20 -2.75 4.39
CA LEU B 110 8.19 -1.84 5.53
C LEU B 110 9.29 -0.82 5.35
N THR B 111 8.92 0.44 5.15
CA THR B 111 9.91 1.48 4.97
C THR B 111 9.96 2.41 6.16
N SER B 112 11.17 2.65 6.66
CA SER B 112 11.36 3.56 7.79
C SER B 112 11.89 4.88 7.26
N GLY B 113 11.53 5.97 7.92
CA GLY B 113 12.04 7.27 7.52
C GLY B 113 13.50 7.24 7.95
N THR B 114 14.41 7.57 7.02
CA THR B 114 15.84 7.57 7.33
C THR B 114 16.54 8.82 6.81
N THR B 115 17.78 9.01 7.26
CA THR B 115 18.58 10.11 6.79
C THR B 115 19.06 9.54 5.46
N GLU B 116 19.64 10.40 4.61
CA GLU B 116 20.10 9.93 3.32
C GLU B 116 21.15 8.87 3.37
N ALA B 117 22.06 8.93 4.34
CA ALA B 117 23.13 7.92 4.42
C ALA B 117 22.66 6.54 4.88
N ASN B 118 21.39 6.42 5.23
CA ASN B 118 20.87 5.12 5.69
C ASN B 118 19.70 4.67 4.83
N ALA B 119 19.47 5.40 3.76
CA ALA B 119 18.39 5.07 2.84
C ALA B 119 18.52 3.66 2.25
N TRP B 120 19.74 3.17 2.03
CA TRP B 120 19.90 1.84 1.43
C TRP B 120 19.30 0.71 2.26
N LYS B 121 19.24 0.91 3.57
CA LYS B 121 18.68 -0.08 4.47
C LYS B 121 17.36 0.42 5.08
N SER B 122 16.58 1.14 4.29
CA SER B 122 15.34 1.70 4.79
C SER B 122 14.14 0.77 4.69
N THR B 123 14.27 -0.29 3.91
CA THR B 123 13.13 -1.15 3.63
C THR B 123 13.23 -2.64 3.88
N LEU B 124 12.29 -3.14 4.67
CA LEU B 124 12.23 -4.56 4.98
C LEU B 124 11.17 -5.18 4.08
N VAL B 125 11.29 -6.48 3.85
CA VAL B 125 10.33 -7.19 3.01
C VAL B 125 10.00 -8.52 3.67
N GLY B 126 8.72 -8.87 3.63
CA GLY B 126 8.28 -10.12 4.21
C GLY B 126 7.03 -10.62 3.52
N HIS B 127 6.41 -11.63 4.13
CA HIS B 127 5.18 -12.21 3.61
C HIS B 127 4.28 -12.58 4.79
N ASP B 128 2.99 -12.31 4.67
CA ASP B 128 2.04 -12.63 5.72
C ASP B 128 0.83 -13.34 5.10
N THR B 129 0.32 -14.32 5.83
CA THR B 129 -0.86 -15.07 5.44
C THR B 129 -1.91 -14.77 6.50
N PHE B 130 -3.08 -14.31 6.07
CA PHE B 130 -4.15 -13.98 7.00
C PHE B 130 -5.30 -15.00 6.82
N THR B 131 -5.87 -15.44 7.93
CA THR B 131 -7.01 -16.34 7.89
C THR B 131 -8.00 -15.76 8.89
N LYS B 132 -9.25 -16.22 8.85
CA LYS B 132 -10.23 -15.73 9.80
C LYS B 132 -10.19 -16.51 11.12
N VAL B 133 -9.16 -17.34 11.29
CA VAL B 133 -9.00 -18.17 12.52
C VAL B 133 -7.96 -17.61 13.49
N1 BH7 C . 5.00 2.06 -11.72
C2 BH7 C . 5.01 0.59 -12.00
C3 BH7 C . 4.13 0.46 -13.24
N4 BH7 C . 3.73 1.84 -13.54
C5 BH7 C . 4.25 2.76 -12.66
C6 BH7 C . 4.45 -0.29 -10.86
S7 BH7 C . 2.65 -0.43 -11.21
C8 BH7 C . 2.90 -0.52 -12.99
O9 BH7 C . 4.07 3.95 -12.70
C10 BH7 C . 1.65 -0.22 -13.83
C11 BH7 C . 0.57 -1.24 -13.52
C12 BH7 C . -0.32 -1.49 -14.73
C13 BH7 C . -1.40 -2.56 -14.43
C14 BH7 C . -1.08 -3.97 -14.93
O15 BH7 C . -1.41 -4.95 -14.30
N16 BH7 C . -0.40 -4.03 -16.16
C17 BH7 C . 0.02 -5.31 -16.88
C18 BH7 C . 1.51 -5.71 -16.72
C19 BH7 C . 1.83 -7.22 -17.10
C20 BH7 C . 0.69 -8.25 -16.73
C21 BH7 C . 0.68 -8.61 -15.21
C22 BH7 C . -0.43 -9.61 -14.83
O23 BH7 C . -0.37 -10.85 -14.80
O24 BH7 C . -1.59 -8.95 -14.53
N1 BH7 D . 3.34 -8.01 9.79
C2 BH7 D . 4.74 -7.56 9.73
C3 BH7 D . 5.01 -6.87 11.17
N4 BH7 D . 3.68 -7.01 11.87
C5 BH7 D . 2.73 -7.66 11.09
C6 BH7 D . 5.03 -6.43 8.68
S7 BH7 D . 4.50 -4.89 9.55
C8 BH7 D . 5.48 -5.42 10.97
O9 BH7 D . 1.60 -7.87 11.46
C10 BH7 D . 5.49 -4.54 12.23
C11 BH7 D . 5.78 -3.05 11.90
C12 BH7 D . 5.54 -1.99 13.04
C13 BH7 D . 6.53 -0.78 12.88
C14 BH7 D . 8.04 -1.06 13.15
O15 BH7 D . 8.45 -1.99 13.86
N16 BH7 D . 8.94 -0.17 12.53
C17 BH7 D . 10.45 -0.25 12.66
C18 BH7 D . 11.11 -1.20 11.63
C19 BH7 D . 12.64 -0.91 11.43
C20 BH7 D . 13.50 -2.13 11.89
C21 BH7 D . 13.87 -2.14 13.41
C22 BH7 D . 12.94 -3.02 14.29
O23 BH7 D . 12.14 -2.61 15.17
O24 BH7 D . 13.06 -4.36 13.94
#